data_2AVN
#
_entry.id   2AVN
#
_cell.length_a   130.475
_cell.length_b   130.475
_cell.length_c   192.926
_cell.angle_alpha   90.000
_cell.angle_beta   90.000
_cell.angle_gamma   120.000
#
_symmetry.space_group_name_H-M   'P 64 2 2'
#
loop_
_entity.id
_entity.type
_entity.pdbx_description
1 polymer 'ubiquinone/menaquinone biosynthesis methyltransferase-related protein'
2 non-polymer 'PHOSPHATE ION'
3 non-polymer S-ADENOSYL-L-HOMOSELENOCYSTEINE
4 water water
#
_entity_poly.entity_id   1
_entity_poly.type   'polypeptide(L)'
_entity_poly.pdbx_seq_one_letter_code
;(MSE)GSDKIHHHHHH(MSE)KLRSWEFYDRIARAYDS(MSE)YETPKWKLYHRLIGSFLEEYLKNPCRVLDLGGGTGKW
SLFLQERGFEVVLVDPSKE(MSE)LEVAREKGVKNVVEAKAEDLPFPSGAFEAVLALGDVLSYVENKDKAFSEIRRVLVP
DGLLIATVDNFYTFLQQ(MSE)IEKDAWDQITRFLKTQTTSVGTTLFSFNSYAFKPEDLDSLEGFETVDIRGIGV(MSE)
EYPDERISEREETIFRLEQELSRDRNIIWKADHIFFVLKKKRGA
;
_entity_poly.pdbx_strand_id   A,B
#
loop_
_chem_comp.id
_chem_comp.type
_chem_comp.name
_chem_comp.formula
PO4 non-polymer 'PHOSPHATE ION' 'O4 P -3'
SAI non-polymer S-ADENOSYL-L-HOMOSELENOCYSTEINE 'C14 H20 N6 O5 Se'
#
# COMPACT_ATOMS: atom_id res chain seq x y z
N HIS A 12 30.57 -2.04 8.81
CA HIS A 12 29.93 -0.73 9.21
C HIS A 12 30.33 -0.35 10.62
N MSE A 13 30.58 0.93 10.85
CA MSE A 13 30.76 1.42 12.21
C MSE A 13 29.41 1.84 12.73
O MSE A 13 28.72 2.64 12.11
CB MSE A 13 31.70 2.61 12.26
CG MSE A 13 32.64 2.57 13.44
SE MSE A 13 34.41 1.99 12.80
CE MSE A 13 35.62 2.83 14.10
N LYS A 14 29.03 1.29 13.88
CA LYS A 14 27.73 1.54 14.45
C LYS A 14 27.77 2.79 15.34
N LEU A 15 27.05 3.84 14.94
CA LEU A 15 27.05 5.09 15.65
C LEU A 15 25.72 5.36 16.32
N ARG A 16 25.72 6.22 17.32
CA ARG A 16 24.47 6.81 17.78
C ARG A 16 23.98 7.76 16.68
N SER A 17 22.69 8.05 16.65
CA SER A 17 22.13 8.82 15.54
C SER A 17 22.81 10.18 15.37
N TRP A 18 22.94 10.90 16.47
CA TRP A 18 23.47 12.26 16.43
C TRP A 18 24.95 12.30 16.07
N GLU A 19 25.67 11.22 16.37
CA GLU A 19 27.09 11.09 16.02
C GLU A 19 27.23 10.96 14.48
N PHE A 20 26.23 10.34 13.87
CA PHE A 20 26.23 10.14 12.41
C PHE A 20 25.98 11.49 11.76
N TYR A 21 24.94 12.17 12.26
CA TYR A 21 24.57 13.51 11.80
C TYR A 21 25.68 14.55 12.03
N ASP A 22 26.49 14.38 13.08
CA ASP A 22 27.67 15.23 13.29
C ASP A 22 28.67 15.10 12.15
N ARG A 23 28.80 13.91 11.57
CA ARG A 23 29.77 13.69 10.48
C ARG A 23 29.30 14.31 9.15
N ILE A 24 28.00 14.24 8.88
CA ILE A 24 27.47 14.70 7.59
C ILE A 24 26.76 16.07 7.59
N ALA A 25 26.59 16.70 8.76
CA ALA A 25 25.82 17.97 8.86
C ALA A 25 26.02 18.94 7.70
N ARG A 26 27.26 19.12 7.27
CA ARG A 26 27.61 20.15 6.30
C ARG A 26 27.33 19.75 4.86
N ALA A 27 27.01 18.49 4.64
CA ALA A 27 26.59 17.96 3.35
C ALA A 27 25.12 17.58 3.37
N TYR A 28 24.48 17.76 4.53
CA TYR A 28 23.15 17.25 4.73
C TYR A 28 22.18 17.87 3.73
N ASP A 29 22.15 19.20 3.70
CA ASP A 29 21.20 19.93 2.86
C ASP A 29 21.37 19.54 1.39
N SER A 30 22.62 19.40 0.95
CA SER A 30 22.90 19.05 -0.45
CA SER A 30 22.90 19.04 -0.44
C SER A 30 22.40 17.65 -0.83
N MSE A 31 22.22 16.75 0.14
CA MSE A 31 21.70 15.41 -0.15
C MSE A 31 20.20 15.28 -0.43
O MSE A 31 19.75 14.24 -0.88
CB MSE A 31 22.00 14.48 1.02
CG MSE A 31 23.46 14.13 1.14
SE MSE A 31 23.85 13.63 2.99
CE MSE A 31 22.25 12.42 3.43
N TYR A 32 19.43 16.31 -0.11
CA TYR A 32 17.98 16.23 -0.23
C TYR A 32 17.46 17.28 -1.23
N GLU A 33 18.26 17.51 -2.28
CA GLU A 33 17.94 18.45 -3.33
C GLU A 33 17.64 17.71 -4.65
N THR A 34 17.17 16.49 -4.56
CA THR A 34 16.71 15.74 -5.72
C THR A 34 15.24 16.09 -6.02
N PRO A 35 14.79 15.79 -7.26
CA PRO A 35 13.38 16.03 -7.61
C PRO A 35 12.39 15.38 -6.64
N LYS A 36 12.64 14.13 -6.26
CA LYS A 36 11.83 13.48 -5.26
C LYS A 36 11.77 14.23 -3.93
N TRP A 37 12.91 14.72 -3.47
CA TRP A 37 12.93 15.36 -2.15
C TRP A 37 12.36 16.78 -2.21
N LYS A 38 12.54 17.45 -3.34
CA LYS A 38 11.85 18.70 -3.57
C LYS A 38 10.34 18.47 -3.52
N LEU A 39 9.87 17.44 -4.21
CA LEU A 39 8.47 17.12 -4.20
C LEU A 39 7.95 16.90 -2.78
N TYR A 40 8.66 16.06 -2.02
CA TYR A 40 8.28 15.76 -0.65
C TYR A 40 8.26 16.98 0.26
N HIS A 41 9.22 17.89 0.09
CA HIS A 41 9.27 19.13 0.88
C HIS A 41 8.08 20.05 0.58
N ARG A 42 7.73 20.12 -0.69
CA ARG A 42 6.55 20.83 -1.11
C ARG A 42 5.28 20.27 -0.46
N LEU A 43 5.19 18.95 -0.37
CA LEU A 43 4.04 18.31 0.29
C LEU A 43 3.99 18.62 1.78
N ILE A 44 5.13 18.43 2.45
CA ILE A 44 5.24 18.69 3.88
C ILE A 44 4.90 20.15 4.17
N GLY A 45 5.44 21.06 3.38
CA GLY A 45 5.11 22.46 3.49
C GLY A 45 3.63 22.77 3.34
N SER A 46 2.95 22.13 2.40
CA SER A 46 1.53 22.36 2.20
C SER A 46 0.75 21.80 3.41
N PHE A 47 1.20 20.68 3.96
CA PHE A 47 0.55 20.12 5.15
C PHE A 47 0.73 20.99 6.39
N LEU A 48 1.91 21.60 6.55
CA LEU A 48 2.15 22.46 7.71
C LEU A 48 1.24 23.68 7.67
N GLU A 49 1.05 24.25 6.48
CA GLU A 49 0.16 25.39 6.29
C GLU A 49 -1.32 25.02 6.50
N GLU A 50 -1.64 23.77 6.32
CA GLU A 50 -3.00 23.28 6.56
C GLU A 50 -3.31 23.15 8.05
N TYR A 51 -2.33 22.64 8.81
CA TYR A 51 -2.55 22.33 10.23
C TYR A 51 -2.17 23.49 11.16
N LEU A 52 -1.23 24.32 10.71
CA LEU A 52 -0.80 25.48 11.47
C LEU A 52 -1.37 26.71 10.80
N LYS A 53 -2.65 26.96 11.08
CA LYS A 53 -3.37 28.07 10.49
C LYS A 53 -2.74 29.40 10.85
N ASN A 54 -2.44 29.58 12.13
CA ASN A 54 -1.99 30.86 12.63
C ASN A 54 -0.66 30.73 13.39
N PRO A 55 0.16 31.80 13.40
CA PRO A 55 1.39 31.89 14.14
C PRO A 55 1.23 31.62 15.64
N CYS A 56 2.12 30.82 16.18
CA CYS A 56 2.06 30.37 17.57
C CYS A 56 3.44 29.85 17.93
N ARG A 57 3.54 29.19 19.08
CA ARG A 57 4.82 28.76 19.60
C ARG A 57 5.08 27.33 19.16
N VAL A 58 6.23 27.09 18.52
CA VAL A 58 6.53 25.79 17.93
C VAL A 58 7.91 25.30 18.35
N LEU A 59 8.00 24.03 18.74
CA LEU A 59 9.28 23.36 18.97
C LEU A 59 9.61 22.53 17.74
N ASP A 60 10.74 22.84 17.09
CA ASP A 60 11.22 22.01 15.98
C ASP A 60 12.21 20.96 16.53
N LEU A 61 11.66 19.79 16.87
CA LEU A 61 12.39 18.72 17.56
C LEU A 61 13.17 17.82 16.59
N GLY A 62 14.46 17.62 16.87
CA GLY A 62 15.36 17.02 15.90
C GLY A 62 15.34 17.85 14.64
N GLY A 63 15.38 19.16 14.81
CA GLY A 63 15.19 20.08 13.69
C GLY A 63 16.35 20.20 12.72
N GLY A 64 17.45 19.51 13.03
CA GLY A 64 18.57 19.39 12.09
C GLY A 64 19.16 20.72 11.67
N THR A 65 19.31 20.91 10.36
CA THR A 65 19.88 22.15 9.80
C THR A 65 18.89 23.31 9.74
N GLY A 66 17.65 23.12 10.21
CA GLY A 66 16.73 24.23 10.43
C GLY A 66 15.80 24.59 9.29
N LYS A 67 15.72 23.72 8.30
CA LYS A 67 14.83 23.83 7.14
C LYS A 67 13.43 24.32 7.55
N TRP A 68 12.78 23.56 8.41
CA TRP A 68 11.39 23.88 8.83
C TRP A 68 11.30 25.00 9.88
N SER A 69 12.34 25.18 10.68
CA SER A 69 12.42 26.35 11.56
C SER A 69 12.43 27.66 10.78
N LEU A 70 13.29 27.75 9.78
CA LEU A 70 13.35 28.93 8.91
C LEU A 70 12.02 29.21 8.21
N PHE A 71 11.44 28.14 7.64
CA PHE A 71 10.11 28.17 7.04
C PHE A 71 9.09 28.82 7.99
N LEU A 72 9.07 28.39 9.25
CA LEU A 72 8.14 28.98 10.22
C LEU A 72 8.56 30.38 10.71
N GLN A 73 9.85 30.58 10.98
CA GLN A 73 10.34 31.92 11.32
C GLN A 73 9.91 32.96 10.30
N GLU A 74 10.07 32.63 9.01
CA GLU A 74 9.78 33.60 7.98
C GLU A 74 8.26 33.82 7.78
N ARG A 75 7.46 32.98 8.43
CA ARG A 75 6.00 33.14 8.48
C ARG A 75 5.51 33.65 9.84
N GLY A 76 6.43 34.14 10.66
CA GLY A 76 6.06 34.88 11.86
C GLY A 76 5.76 34.04 13.09
N PHE A 77 6.15 32.76 13.08
CA PHE A 77 6.01 31.91 14.25
C PHE A 77 7.15 32.17 15.26
N GLU A 78 6.90 31.83 16.50
CA GLU A 78 7.92 31.81 17.52
C GLU A 78 8.44 30.38 17.57
N VAL A 79 9.70 30.17 17.21
CA VAL A 79 10.22 28.83 16.96
C VAL A 79 11.49 28.60 17.74
N VAL A 80 11.59 27.43 18.37
CA VAL A 80 12.85 26.96 18.97
C VAL A 80 13.20 25.64 18.29
N LEU A 81 14.46 25.54 17.85
CA LEU A 81 14.98 24.32 17.26
C LEU A 81 15.77 23.57 18.31
N VAL A 82 15.46 22.29 18.45
CA VAL A 82 16.17 21.43 19.38
C VAL A 82 16.81 20.30 18.61
N ASP A 83 18.03 19.95 18.97
CA ASP A 83 18.69 18.85 18.31
C ASP A 83 19.88 18.42 19.12
N PRO A 84 20.14 17.11 19.23
CA PRO A 84 21.34 16.62 19.93
C PRO A 84 22.65 16.70 19.14
N SER A 85 22.57 17.00 17.85
CA SER A 85 23.79 17.08 17.04
C SER A 85 24.35 18.49 17.06
N LYS A 86 25.49 18.66 17.71
CA LYS A 86 26.13 19.98 17.76
C LYS A 86 26.45 20.55 16.36
N GLU A 87 26.74 19.69 15.40
CA GLU A 87 27.11 20.16 14.07
C GLU A 87 25.86 20.61 13.29
N MSE A 88 24.77 19.88 13.44
CA MSE A 88 23.50 20.27 12.82
C MSE A 88 23.10 21.66 13.37
O MSE A 88 22.73 22.55 12.60
CB MSE A 88 22.40 19.24 13.15
CG MSE A 88 22.65 17.89 12.53
SE MSE A 88 22.32 17.88 10.57
CE MSE A 88 23.25 16.45 10.09
N LEU A 89 23.20 21.81 14.69
CA LEU A 89 22.86 23.08 15.37
C LEU A 89 23.71 24.21 14.86
N GLU A 90 25.00 23.99 14.69
CA GLU A 90 25.87 25.02 14.14
C GLU A 90 25.47 25.41 12.71
N VAL A 91 25.08 24.44 11.91
CA VAL A 91 24.62 24.72 10.53
C VAL A 91 23.32 25.54 10.57
N ALA A 92 22.40 25.15 11.46
CA ALA A 92 21.14 25.90 11.65
C ALA A 92 21.34 27.38 12.03
N ARG A 93 22.26 27.59 12.95
CA ARG A 93 22.60 28.90 13.47
C ARG A 93 23.13 29.78 12.31
N GLU A 94 24.08 29.25 11.55
CA GLU A 94 24.62 29.90 10.35
C GLU A 94 23.59 30.21 9.30
N LYS A 95 22.61 29.33 9.15
CA LYS A 95 21.52 29.57 8.21
C LYS A 95 20.53 30.61 8.70
N GLY A 96 20.59 30.98 9.97
CA GLY A 96 19.74 32.04 10.50
C GLY A 96 18.62 31.63 11.44
N VAL A 97 18.65 30.41 11.94
CA VAL A 97 17.70 30.01 12.98
C VAL A 97 18.11 30.73 14.25
N LYS A 98 17.16 31.45 14.84
CA LYS A 98 17.42 32.32 15.97
C LYS A 98 17.55 31.64 17.32
N ASN A 99 16.79 30.59 17.58
CA ASN A 99 16.80 29.91 18.89
C ASN A 99 17.12 28.45 18.72
N VAL A 100 18.31 28.05 19.18
CA VAL A 100 18.73 26.66 19.03
C VAL A 100 19.14 26.12 20.40
N VAL A 101 18.86 24.84 20.64
CA VAL A 101 19.10 24.23 21.94
C VAL A 101 19.56 22.80 21.71
N GLU A 102 20.58 22.38 22.47
CA GLU A 102 21.08 21.02 22.39
C GLU A 102 20.32 20.13 23.35
N ALA A 103 19.50 19.23 22.83
CA ALA A 103 18.81 18.27 23.69
C ALA A 103 18.26 17.11 22.86
N LYS A 104 17.94 16.02 23.54
CA LYS A 104 17.26 14.88 22.99
C LYS A 104 15.78 14.95 23.34
N ALA A 105 14.98 14.29 22.50
CA ALA A 105 13.57 14.17 22.69
C ALA A 105 13.22 13.49 24.01
N GLU A 106 14.08 12.56 24.44
CA GLU A 106 13.85 11.79 25.66
C GLU A 106 13.85 12.62 26.91
N ASP A 107 14.48 13.80 26.86
CA ASP A 107 14.63 14.66 28.04
C ASP A 107 14.73 16.13 27.60
N LEU A 108 13.57 16.78 27.44
CA LEU A 108 13.48 18.14 26.90
C LEU A 108 13.49 19.17 28.02
N PRO A 109 14.38 20.18 27.91
CA PRO A 109 14.51 21.14 28.98
C PRO A 109 13.60 22.36 28.81
N PHE A 110 12.32 22.12 28.63
CA PHE A 110 11.33 23.17 28.49
C PHE A 110 10.25 22.86 29.50
N PRO A 111 9.56 23.90 29.99
CA PRO A 111 8.51 23.65 30.97
C PRO A 111 7.31 23.07 30.28
N SER A 112 6.43 22.50 31.07
CA SER A 112 5.19 21.94 30.59
C SER A 112 4.31 23.02 29.93
N GLY A 113 3.55 22.64 28.93
CA GLY A 113 2.57 23.55 28.34
C GLY A 113 3.15 24.75 27.60
N ALA A 114 4.37 24.63 27.07
CA ALA A 114 5.05 25.80 26.50
C ALA A 114 4.78 26.03 25.01
N PHE A 115 4.27 25.00 24.32
CA PHE A 115 4.12 25.03 22.87
C PHE A 115 2.75 24.63 22.41
N GLU A 116 2.29 25.27 21.33
CA GLU A 116 1.09 24.88 20.64
C GLU A 116 1.34 23.75 19.66
N ALA A 117 2.57 23.61 19.21
CA ALA A 117 2.92 22.55 18.29
C ALA A 117 4.35 22.13 18.43
N VAL A 118 4.60 20.83 18.23
CA VAL A 118 5.92 20.23 18.12
C VAL A 118 6.02 19.62 16.71
N LEU A 119 7.13 19.88 16.04
CA LEU A 119 7.42 19.25 14.76
C LEU A 119 8.41 18.15 15.03
N ALA A 120 8.22 16.99 14.42
CA ALA A 120 9.24 15.95 14.46
C ALA A 120 9.34 15.35 13.07
N LEU A 121 9.81 16.20 12.17
CA LEU A 121 9.91 15.93 10.76
C LEU A 121 11.26 15.29 10.41
N GLY A 122 11.37 14.71 9.21
CA GLY A 122 12.59 13.99 8.77
C GLY A 122 12.89 12.71 9.53
N ASP A 123 11.83 12.03 9.95
CA ASP A 123 11.89 10.70 10.59
C ASP A 123 12.56 10.64 11.94
N VAL A 124 12.47 11.74 12.71
CA VAL A 124 13.13 11.84 14.02
C VAL A 124 12.68 10.75 14.98
N LEU A 125 11.39 10.49 15.02
CA LEU A 125 10.86 9.50 15.96
C LEU A 125 11.19 8.09 15.57
N SER A 126 11.58 7.87 14.31
CA SER A 126 12.18 6.59 13.92
C SER A 126 13.61 6.47 14.47
N TYR A 127 14.26 7.59 14.78
CA TYR A 127 15.64 7.59 15.29
C TYR A 127 15.84 7.67 16.80
N VAL A 128 14.87 8.20 17.54
CA VAL A 128 15.03 8.35 18.99
C VAL A 128 15.16 6.97 19.62
N GLU A 129 15.98 6.87 20.65
CA GLU A 129 16.32 5.58 21.24
C GLU A 129 15.25 5.10 22.19
N ASN A 130 14.47 6.02 22.77
CA ASN A 130 13.38 5.64 23.65
C ASN A 130 12.12 6.40 23.27
N LYS A 131 11.29 5.76 22.44
CA LYS A 131 10.03 6.35 21.97
C LYS A 131 9.07 6.69 23.11
N ASP A 132 9.01 5.85 24.13
CA ASP A 132 8.12 6.14 25.24
C ASP A 132 8.43 7.44 25.93
N LYS A 133 9.69 7.64 26.31
CA LYS A 133 10.10 8.92 26.91
C LYS A 133 9.87 10.05 25.92
N ALA A 134 10.14 9.80 24.64
CA ALA A 134 10.03 10.86 23.66
C ALA A 134 8.58 11.35 23.50
N PHE A 135 7.63 10.43 23.37
CA PHE A 135 6.21 10.80 23.30
C PHE A 135 5.70 11.38 24.61
N SER A 136 6.26 10.90 25.70
CA SER A 136 5.92 11.46 26.98
C SER A 136 6.36 12.95 27.09
N GLU A 137 7.54 13.26 26.60
CA GLU A 137 8.09 14.61 26.72
C GLU A 137 7.39 15.57 25.78
N ILE A 138 7.01 15.08 24.62
CA ILE A 138 6.31 15.88 23.63
C ILE A 138 4.95 16.26 24.20
N ARG A 139 4.29 15.29 24.82
CA ARG A 139 2.96 15.52 25.37
CA ARG A 139 2.98 15.49 25.38
C ARG A 139 3.07 16.50 26.52
N ARG A 140 4.12 16.36 27.31
CA ARG A 140 4.36 17.27 28.40
C ARG A 140 4.51 18.74 27.96
N VAL A 141 5.27 18.99 26.91
CA VAL A 141 5.64 20.36 26.55
C VAL A 141 4.57 21.07 25.75
N LEU A 142 3.57 20.31 25.30
CA LEU A 142 2.46 20.87 24.53
C LEU A 142 1.35 21.35 25.47
N VAL A 143 0.65 22.40 25.06
CA VAL A 143 -0.59 22.79 25.72
C VAL A 143 -1.69 21.76 25.41
N PRO A 144 -2.69 21.68 26.29
CA PRO A 144 -3.85 20.88 25.91
C PRO A 144 -4.37 21.28 24.53
N ASP A 145 -4.65 20.27 23.70
CA ASP A 145 -5.03 20.43 22.28
C ASP A 145 -3.91 20.87 21.36
N GLY A 146 -2.65 20.85 21.83
CA GLY A 146 -1.53 21.11 20.93
C GLY A 146 -1.28 19.91 20.01
N LEU A 147 -0.60 20.17 18.90
CA LEU A 147 -0.37 19.14 17.91
C LEU A 147 1.07 18.67 17.87
N LEU A 148 1.25 17.36 17.68
CA LEU A 148 2.51 16.80 17.18
C LEU A 148 2.29 16.52 15.69
N ILE A 149 3.21 17.01 14.89
CA ILE A 149 3.22 16.87 13.45
C ILE A 149 4.55 16.22 13.10
N ALA A 150 4.51 15.03 12.52
CA ALA A 150 5.71 14.25 12.35
C ALA A 150 5.70 13.41 11.08
N THR A 151 6.89 12.97 10.68
CA THR A 151 7.07 11.95 9.66
C THR A 151 8.00 10.85 10.16
N VAL A 152 7.77 9.62 9.73
CA VAL A 152 8.54 8.48 10.22
C VAL A 152 8.77 7.50 9.09
N ASP A 153 9.69 6.57 9.30
CA ASP A 153 9.91 5.55 8.31
C ASP A 153 8.75 4.54 8.38
N ASN A 154 8.41 3.99 7.20
CA ASN A 154 7.33 3.06 7.02
C ASN A 154 7.89 1.64 7.00
N PHE A 155 7.36 0.81 7.90
CA PHE A 155 7.75 -0.57 8.04
C PHE A 155 7.68 -1.36 6.70
N TYR A 156 6.67 -1.11 5.90
CA TYR A 156 6.44 -1.92 4.73
C TYR A 156 7.40 -1.52 3.59
N THR A 157 7.79 -0.25 3.59
CA THR A 157 8.80 0.26 2.65
C THR A 157 10.17 -0.32 2.97
N PHE A 158 10.56 -0.28 4.23
CA PHE A 158 11.78 -0.95 4.66
C PHE A 158 11.79 -2.42 4.26
N LEU A 159 10.69 -3.10 4.54
CA LEU A 159 10.61 -4.51 4.23
C LEU A 159 10.78 -4.75 2.74
N GLN A 160 10.09 -3.99 1.90
CA GLN A 160 10.31 -4.13 0.46
C GLN A 160 11.78 -3.95 0.06
N GLN A 161 12.44 -2.97 0.67
CA GLN A 161 13.83 -2.63 0.35
C GLN A 161 14.76 -3.76 0.73
N MSE A 162 14.55 -4.30 1.92
CA MSE A 162 15.30 -5.47 2.40
C MSE A 162 15.19 -6.69 1.50
O MSE A 162 16.18 -7.39 1.28
CB MSE A 162 14.86 -5.83 3.80
CG MSE A 162 15.23 -4.74 4.78
SE MSE A 162 14.65 -5.04 6.61
CE MSE A 162 15.93 -6.56 7.05
N ILE A 163 13.98 -6.93 1.00
CA ILE A 163 13.71 -7.99 0.03
C ILE A 163 14.47 -7.76 -1.29
N GLU A 164 14.56 -6.51 -1.71
CA GLU A 164 15.31 -6.13 -2.91
C GLU A 164 16.81 -6.29 -2.72
N LYS A 165 17.31 -5.79 -1.60
CA LYS A 165 18.71 -6.06 -1.25
C LYS A 165 18.92 -7.43 -0.55
N ASP A 166 17.97 -8.36 -0.75
CA ASP A 166 18.19 -9.78 -0.44
C ASP A 166 18.64 -10.09 1.00
N ALA A 167 18.17 -9.32 1.96
CA ALA A 167 18.62 -9.45 3.33
C ALA A 167 17.80 -10.46 4.16
N TRP A 168 17.81 -11.73 3.77
CA TRP A 168 16.85 -12.69 4.33
C TRP A 168 17.11 -13.08 5.78
N ASP A 169 18.38 -13.19 6.18
CA ASP A 169 18.70 -13.42 7.59
C ASP A 169 18.21 -12.28 8.44
N GLN A 170 18.16 -11.09 7.86
CA GLN A 170 17.80 -9.89 8.60
C GLN A 170 16.31 -9.62 8.66
N ILE A 171 15.58 -10.06 7.63
CA ILE A 171 14.16 -9.85 7.54
C ILE A 171 13.47 -10.47 8.75
N THR A 172 13.87 -11.68 9.09
CA THR A 172 13.30 -12.41 10.23
C THR A 172 13.35 -11.63 11.53
N ARG A 173 14.52 -11.08 11.88
CA ARG A 173 14.65 -10.19 13.03
C ARG A 173 13.76 -8.92 12.88
N PHE A 174 13.82 -8.32 11.71
CA PHE A 174 13.16 -7.07 11.44
C PHE A 174 11.66 -7.18 11.58
N LEU A 175 11.09 -8.30 11.13
CA LEU A 175 9.66 -8.49 11.27
C LEU A 175 9.24 -8.38 12.72
N LYS A 176 10.10 -8.82 13.64
CA LYS A 176 9.85 -8.76 15.08
C LYS A 176 10.14 -7.39 15.71
N THR A 177 11.32 -6.86 15.43
CA THR A 177 11.82 -5.60 16.03
C THR A 177 11.36 -4.33 15.34
N GLN A 178 11.07 -4.41 14.05
CA GLN A 178 10.85 -3.24 13.21
C GLN A 178 12.08 -2.31 13.13
N THR A 179 13.23 -2.86 13.48
CA THR A 179 14.44 -2.09 13.60
C THR A 179 15.51 -2.63 12.64
N THR A 180 16.10 -1.73 11.86
CA THR A 180 17.20 -2.07 11.00
C THR A 180 18.19 -0.91 10.98
N SER A 181 19.36 -1.15 10.38
CA SER A 181 20.42 -0.15 10.25
C SER A 181 20.10 0.77 9.13
N VAL A 182 20.55 2.02 9.24
CA VAL A 182 20.49 2.97 8.13
C VAL A 182 21.78 3.81 8.16
N GLY A 183 22.01 4.57 7.10
CA GLY A 183 23.20 5.41 7.02
C GLY A 183 23.91 5.30 5.68
N THR A 184 25.24 5.15 5.73
CA THR A 184 26.09 5.14 4.53
C THR A 184 26.94 3.87 4.45
N THR A 185 27.76 3.78 3.42
CA THR A 185 28.62 2.62 3.22
C THR A 185 29.52 2.31 4.42
N LEU A 186 29.97 3.34 5.16
CA LEU A 186 30.93 3.14 6.27
C LEU A 186 30.35 3.36 7.67
N PHE A 187 29.32 4.20 7.79
CA PHE A 187 28.68 4.49 9.08
C PHE A 187 27.17 4.20 9.07
N SER A 188 26.69 3.56 10.14
CA SER A 188 25.27 3.28 10.31
C SER A 188 24.77 3.62 11.72
N PHE A 189 23.47 3.83 11.81
CA PHE A 189 22.74 3.87 13.08
C PHE A 189 21.38 3.17 12.89
N ASN A 190 20.67 2.92 13.99
CA ASN A 190 19.40 2.20 13.95
C ASN A 190 18.19 3.08 13.73
N SER A 191 17.23 2.55 12.97
CA SER A 191 15.95 3.17 12.74
C SER A 191 14.84 2.18 13.10
N TYR A 192 13.78 2.68 13.73
CA TYR A 192 12.59 1.92 13.99
C TYR A 192 11.55 2.39 12.98
N ALA A 193 11.11 1.46 12.12
CA ALA A 193 10.08 1.74 11.12
C ALA A 193 8.69 1.43 11.67
N PHE A 194 7.80 2.41 11.53
CA PHE A 194 6.48 2.37 12.14
C PHE A 194 5.46 1.53 11.35
N LYS A 195 4.58 0.91 12.11
CA LYS A 195 3.43 0.18 11.61
C LYS A 195 2.19 0.91 12.10
N PRO A 196 1.06 0.65 11.46
CA PRO A 196 -0.21 1.23 11.91
C PRO A 196 -0.49 1.12 13.42
N GLU A 197 -0.20 -0.03 14.01
CA GLU A 197 -0.49 -0.23 15.42
C GLU A 197 0.42 0.65 16.31
N ASP A 198 1.55 1.11 15.78
CA ASP A 198 2.41 2.08 16.49
C ASP A 198 1.73 3.45 16.65
N LEU A 199 0.79 3.78 15.77
CA LEU A 199 0.13 5.07 15.87
C LEU A 199 -1.27 4.99 16.46
N ASP A 200 -1.58 3.83 17.04
CA ASP A 200 -2.92 3.50 17.50
C ASP A 200 -2.95 3.57 19.03
N SER A 201 -4.02 4.19 19.54
CA SER A 201 -4.19 4.48 20.96
C SER A 201 -2.86 4.84 21.64
N LEU A 202 -2.24 5.94 21.21
CA LEU A 202 -1.06 6.44 21.91
C LEU A 202 -1.54 7.13 23.18
N GLU A 203 -0.88 6.84 24.30
CA GLU A 203 -1.30 7.37 25.61
C GLU A 203 -1.31 8.90 25.63
N GLY A 204 -2.50 9.45 25.86
CA GLY A 204 -2.75 10.88 25.99
C GLY A 204 -2.86 11.66 24.68
N PHE A 205 -2.89 10.94 23.56
CA PHE A 205 -2.99 11.57 22.25
C PHE A 205 -4.16 11.03 21.48
N GLU A 206 -4.78 11.91 20.69
CA GLU A 206 -5.77 11.55 19.73
C GLU A 206 -5.12 11.66 18.35
N THR A 207 -5.18 10.60 17.58
CA THR A 207 -4.73 10.66 16.20
C THR A 207 -5.69 11.50 15.35
N VAL A 208 -5.17 12.56 14.77
CA VAL A 208 -5.97 13.50 14.02
C VAL A 208 -5.97 13.12 12.54
N ASP A 209 -4.80 12.82 12.00
CA ASP A 209 -4.66 12.42 10.63
C ASP A 209 -3.38 11.63 10.46
N ILE A 210 -3.40 10.74 9.47
CA ILE A 210 -2.22 10.01 9.02
C ILE A 210 -2.21 10.12 7.50
N ARG A 211 -1.06 10.37 6.88
CA ARG A 211 -0.94 10.55 5.41
C ARG A 211 0.31 9.94 4.84
N GLY A 212 0.23 9.51 3.59
CA GLY A 212 1.39 8.94 2.94
C GLY A 212 2.18 10.01 2.22
N ILE A 213 3.49 10.05 2.42
CA ILE A 213 4.39 10.87 1.60
C ILE A 213 5.06 9.98 0.56
N GLY A 214 4.76 10.23 -0.71
CA GLY A 214 5.23 9.36 -1.79
C GLY A 214 4.45 8.08 -1.90
N VAL A 215 3.15 8.20 -2.15
CA VAL A 215 2.29 7.03 -2.29
C VAL A 215 2.66 6.24 -3.57
N MSE A 216 2.96 6.95 -4.65
CA MSE A 216 3.52 6.32 -5.86
C MSE A 216 5.02 6.61 -5.97
O MSE A 216 5.50 7.58 -5.40
CB MSE A 216 2.77 6.88 -7.07
CG MSE A 216 1.26 6.78 -6.95
SE MSE A 216 0.60 4.89 -6.92
CE MSE A 216 -0.65 5.04 -5.66
N GLU A 217 5.75 5.75 -6.67
CA GLU A 217 7.12 6.06 -7.08
C GLU A 217 7.06 6.72 -8.46
N TYR A 218 7.78 7.81 -8.64
CA TYR A 218 7.89 8.45 -9.95
C TYR A 218 9.33 8.45 -10.39
N PRO A 219 9.59 8.23 -11.68
CA PRO A 219 10.96 8.48 -12.15
C PRO A 219 11.36 9.94 -11.94
N ASP A 220 12.60 10.20 -11.52
CA ASP A 220 13.02 11.58 -11.24
C ASP A 220 12.80 12.47 -12.47
N GLU A 221 13.10 11.90 -13.63
CA GLU A 221 12.89 12.59 -14.89
C GLU A 221 11.46 13.12 -15.09
N ARG A 222 10.45 12.34 -14.71
CA ARG A 222 9.08 12.79 -14.85
C ARG A 222 8.68 13.81 -13.81
N ILE A 223 9.28 13.75 -12.62
CA ILE A 223 8.97 14.74 -11.58
C ILE A 223 9.45 16.09 -12.08
N SER A 224 10.65 16.13 -12.65
CA SER A 224 11.21 17.36 -13.24
C SER A 224 10.32 17.93 -14.36
N GLU A 225 9.84 17.03 -15.21
CA GLU A 225 9.00 17.41 -16.33
C GLU A 225 7.62 17.88 -15.88
N ARG A 226 7.07 17.29 -14.83
CA ARG A 226 5.65 17.49 -14.47
C ARG A 226 5.44 17.71 -12.99
N GLU A 227 6.26 18.53 -12.36
CA GLU A 227 6.18 18.73 -10.90
C GLU A 227 4.78 19.11 -10.40
N GLU A 228 4.08 19.98 -11.11
CA GLU A 228 2.81 20.50 -10.64
C GLU A 228 1.76 19.38 -10.69
N THR A 229 1.73 18.69 -11.82
CA THR A 229 0.83 17.59 -12.01
C THR A 229 0.99 16.50 -10.94
N ILE A 230 2.23 16.16 -10.64
CA ILE A 230 2.54 15.06 -9.73
C ILE A 230 2.30 15.53 -8.27
N PHE A 231 2.54 16.81 -8.00
CA PHE A 231 2.25 17.34 -6.68
C PHE A 231 0.74 17.30 -6.38
N ARG A 232 -0.09 17.67 -7.34
CA ARG A 232 -1.55 17.56 -7.20
C ARG A 232 -2.07 16.14 -7.01
N LEU A 233 -1.54 15.20 -7.80
CA LEU A 233 -1.85 13.79 -7.58
C LEU A 233 -1.48 13.30 -6.18
N GLU A 234 -0.24 13.54 -5.76
CA GLU A 234 0.20 13.12 -4.42
C GLU A 234 -0.57 13.80 -3.29
N GLN A 235 -0.95 15.06 -3.48
CA GLN A 235 -1.88 15.72 -2.57
C GLN A 235 -3.13 14.91 -2.35
N GLU A 236 -3.73 14.40 -3.43
CA GLU A 236 -4.97 13.62 -3.31
C GLU A 236 -4.72 12.25 -2.70
N LEU A 237 -3.74 11.54 -3.23
CA LEU A 237 -3.37 10.21 -2.74
C LEU A 237 -2.96 10.19 -1.26
N SER A 238 -2.28 11.23 -0.77
CA SER A 238 -1.87 11.30 0.62
C SER A 238 -3.07 11.32 1.58
N ARG A 239 -4.22 11.75 1.10
CA ARG A 239 -5.42 11.82 1.93
C ARG A 239 -6.22 10.52 1.94
N ASP A 240 -5.87 9.57 1.08
CA ASP A 240 -6.62 8.31 1.00
C ASP A 240 -6.12 7.25 2.02
N ARG A 241 -6.92 7.02 3.07
CA ARG A 241 -6.55 6.09 4.17
C ARG A 241 -6.31 4.66 3.75
N ASN A 242 -7.05 4.22 2.73
CA ASN A 242 -6.94 2.86 2.20
C ASN A 242 -5.57 2.52 1.64
N ILE A 243 -4.78 3.53 1.28
CA ILE A 243 -3.53 3.30 0.61
C ILE A 243 -2.28 3.92 1.22
N ILE A 244 -2.38 4.58 2.35
CA ILE A 244 -1.21 5.32 2.77
C ILE A 244 -0.01 4.50 3.19
N TRP A 245 -0.21 3.27 3.66
CA TRP A 245 0.94 2.43 4.07
C TRP A 245 1.74 1.88 2.88
N LYS A 246 1.27 2.17 1.67
CA LYS A 246 2.07 1.95 0.45
CA LYS A 246 2.02 1.99 0.43
C LYS A 246 3.19 2.98 0.36
N ALA A 247 3.07 4.10 1.06
CA ALA A 247 3.95 5.23 0.84
C ALA A 247 5.37 5.10 1.36
N ASP A 248 6.26 5.82 0.69
CA ASP A 248 7.67 5.92 1.05
C ASP A 248 7.83 6.25 2.51
N HIS A 249 7.23 7.36 2.96
CA HIS A 249 7.25 7.76 4.40
C HIS A 249 5.85 8.01 4.90
N ILE A 250 5.68 8.05 6.22
CA ILE A 250 4.38 8.31 6.81
C ILE A 250 4.40 9.66 7.58
N PHE A 251 3.41 10.50 7.33
CA PHE A 251 3.19 11.78 8.01
C PHE A 251 2.01 11.60 8.94
N PHE A 252 2.09 12.13 10.16
CA PHE A 252 0.92 12.05 11.03
C PHE A 252 0.80 13.24 11.97
N VAL A 253 -0.41 13.43 12.49
CA VAL A 253 -0.73 14.52 13.41
C VAL A 253 -1.47 13.96 14.60
N LEU A 254 -0.99 14.26 15.79
CA LEU A 254 -1.66 13.94 17.05
C LEU A 254 -2.06 15.21 17.76
N LYS A 255 -3.12 15.12 18.56
CA LYS A 255 -3.64 16.23 19.33
C LYS A 255 -3.59 15.79 20.77
N LYS A 256 -2.99 16.61 21.63
CA LYS A 256 -2.90 16.30 23.06
C LYS A 256 -4.29 16.35 23.62
N LYS A 257 -4.74 15.25 24.22
CA LYS A 257 -6.07 15.17 24.81
C LYS A 257 -6.16 16.05 26.06
N ARG A 258 -7.36 16.49 26.40
CA ARG A 258 -7.53 17.47 27.46
C ARG A 258 -7.81 16.86 28.85
N HIS B 12 -3.71 -1.63 -33.82
CA HIS B 12 -4.19 -2.44 -32.65
C HIS B 12 -5.65 -2.90 -32.84
N MSE B 13 -5.99 -4.11 -32.39
CA MSE B 13 -7.39 -4.54 -32.43
C MSE B 13 -8.03 -4.55 -31.04
O MSE B 13 -7.39 -4.95 -30.06
CB MSE B 13 -7.55 -5.92 -33.05
CG MSE B 13 -8.88 -6.04 -33.79
SE MSE B 13 -9.23 -7.81 -34.59
CE MSE B 13 -10.16 -7.24 -36.35
N LYS B 14 -9.28 -4.10 -30.98
CA LYS B 14 -10.05 -4.05 -29.72
C LYS B 14 -11.15 -5.11 -29.77
N LEU B 15 -11.20 -5.92 -28.71
CA LEU B 15 -12.02 -7.12 -28.68
C LEU B 15 -12.86 -7.17 -27.41
N ARG B 16 -13.94 -7.91 -27.47
CA ARG B 16 -14.56 -8.38 -26.24
C ARG B 16 -13.58 -9.33 -25.53
N SER B 17 -13.50 -9.21 -24.22
CA SER B 17 -12.71 -10.11 -23.39
C SER B 17 -12.70 -11.59 -23.86
N TRP B 18 -13.88 -12.17 -24.04
CA TRP B 18 -13.96 -13.59 -24.37
C TRP B 18 -13.45 -13.91 -25.79
N GLU B 19 -13.42 -12.89 -26.66
CA GLU B 19 -12.89 -13.03 -28.00
C GLU B 19 -11.37 -13.13 -27.96
N PHE B 20 -10.75 -12.40 -27.05
CA PHE B 20 -9.32 -12.48 -26.78
C PHE B 20 -8.96 -13.88 -26.25
N TYR B 21 -9.73 -14.36 -25.28
CA TYR B 21 -9.52 -15.68 -24.71
C TYR B 21 -9.79 -16.77 -25.71
N ASP B 22 -10.71 -16.57 -26.66
CA ASP B 22 -10.88 -17.56 -27.72
C ASP B 22 -9.60 -17.68 -28.56
N ARG B 23 -8.82 -16.60 -28.68
CA ARG B 23 -7.59 -16.64 -29.47
C ARG B 23 -6.41 -17.35 -28.77
N ILE B 24 -6.26 -17.14 -27.45
CA ILE B 24 -5.11 -17.61 -26.69
C ILE B 24 -5.35 -18.81 -25.77
N ALA B 25 -6.57 -19.33 -25.79
CA ALA B 25 -7.00 -20.46 -24.92
C ALA B 25 -6.02 -21.65 -24.85
N ARG B 26 -5.54 -22.11 -26.00
CA ARG B 26 -4.57 -23.18 -26.06
C ARG B 26 -3.18 -22.86 -25.52
N ALA B 27 -2.87 -21.60 -25.30
CA ALA B 27 -1.60 -21.23 -24.72
C ALA B 27 -1.79 -20.76 -23.32
N TYR B 28 -3.03 -20.64 -22.86
CA TYR B 28 -3.26 -19.94 -21.58
C TYR B 28 -2.56 -20.58 -20.37
N ASP B 29 -2.64 -21.89 -20.24
CA ASP B 29 -1.96 -22.57 -19.10
C ASP B 29 -0.45 -22.40 -19.12
N SER B 30 0.15 -22.58 -20.29
CA SER B 30 1.59 -22.28 -20.49
C SER B 30 1.99 -20.86 -20.16
N MSE B 31 1.12 -19.89 -20.37
CA MSE B 31 1.51 -18.53 -20.14
C MSE B 31 1.69 -18.21 -18.68
O MSE B 31 2.61 -17.51 -18.30
CB MSE B 31 0.51 -17.59 -20.78
CG MSE B 31 0.74 -17.40 -22.29
SE MSE B 31 -0.93 -16.73 -23.19
CE MSE B 31 -1.55 -15.28 -21.81
N TYR B 32 0.85 -18.76 -17.84
CA TYR B 32 0.92 -18.47 -16.40
C TYR B 32 1.75 -19.44 -15.57
N GLU B 33 2.60 -20.26 -16.21
CA GLU B 33 3.49 -21.16 -15.50
C GLU B 33 4.78 -20.39 -15.18
N THR B 34 4.73 -19.48 -14.22
CA THR B 34 5.93 -18.77 -13.74
C THR B 34 6.00 -18.91 -12.22
N PRO B 35 7.20 -18.69 -11.64
CA PRO B 35 7.37 -18.65 -10.17
C PRO B 35 6.38 -17.76 -9.45
N LYS B 36 6.22 -16.53 -9.91
CA LYS B 36 5.23 -15.63 -9.31
C LYS B 36 3.82 -16.17 -9.33
N TRP B 37 3.40 -16.74 -10.44
CA TRP B 37 2.03 -17.23 -10.53
C TRP B 37 1.83 -18.56 -9.84
N LYS B 38 2.88 -19.37 -9.81
CA LYS B 38 2.86 -20.55 -8.97
C LYS B 38 2.63 -20.12 -7.52
N LEU B 39 3.32 -19.06 -7.08
CA LEU B 39 3.11 -18.50 -5.76
C LEU B 39 1.71 -17.98 -5.54
N TYR B 40 1.18 -17.19 -6.47
CA TYR B 40 -0.18 -16.65 -6.30
C TYR B 40 -1.21 -17.77 -6.28
N HIS B 41 -0.98 -18.85 -7.04
CA HIS B 41 -1.97 -19.93 -7.08
C HIS B 41 -1.95 -20.67 -5.75
N ARG B 42 -0.77 -20.83 -5.17
CA ARG B 42 -0.67 -21.44 -3.85
C ARG B 42 -1.39 -20.59 -2.77
N LEU B 43 -1.27 -19.28 -2.88
CA LEU B 43 -1.98 -18.37 -1.99
C LEU B 43 -3.48 -18.56 -2.12
N ILE B 44 -3.95 -18.52 -3.37
CA ILE B 44 -5.39 -18.58 -3.63
C ILE B 44 -5.99 -19.93 -3.25
N GLY B 45 -5.29 -21.00 -3.58
CA GLY B 45 -5.69 -22.31 -3.13
C GLY B 45 -5.82 -22.43 -1.61
N SER B 46 -4.86 -21.88 -0.89
CA SER B 46 -4.94 -21.90 0.58
C SER B 46 -6.13 -21.08 1.07
N PHE B 47 -6.44 -19.95 0.43
CA PHE B 47 -7.64 -19.17 0.80
C PHE B 47 -8.92 -19.93 0.53
N LEU B 48 -8.99 -20.65 -0.59
CA LEU B 48 -10.18 -21.46 -0.86
C LEU B 48 -10.42 -22.50 0.21
N GLU B 49 -9.34 -23.13 0.70
CA GLU B 49 -9.43 -24.18 1.73
C GLU B 49 -9.86 -23.57 3.05
N GLU B 50 -9.41 -22.37 3.31
CA GLU B 50 -9.87 -21.61 4.43
C GLU B 50 -11.38 -21.26 4.38
N TYR B 51 -11.91 -20.80 3.26
CA TYR B 51 -13.32 -20.35 3.18
C TYR B 51 -14.31 -21.43 2.80
N LEU B 52 -13.86 -22.46 2.11
CA LEU B 52 -14.70 -23.58 1.73
C LEU B 52 -14.22 -24.80 2.51
N LYS B 53 -14.56 -24.84 3.79
CA LYS B 53 -14.09 -25.91 4.67
C LYS B 53 -14.78 -27.25 4.37
N ASN B 54 -15.89 -27.23 3.62
CA ASN B 54 -16.56 -28.46 3.25
C ASN B 54 -16.94 -28.52 1.78
N PRO B 55 -16.96 -29.75 1.21
CA PRO B 55 -17.51 -29.88 -0.13
C PRO B 55 -18.97 -29.38 -0.18
N CYS B 56 -19.25 -28.57 -1.19
CA CYS B 56 -20.55 -27.97 -1.34
C CYS B 56 -20.71 -27.65 -2.82
N ARG B 57 -21.68 -26.80 -3.17
CA ARG B 57 -22.01 -26.60 -4.55
C ARG B 57 -21.42 -25.29 -5.01
N VAL B 58 -20.50 -25.39 -5.95
CA VAL B 58 -19.77 -24.23 -6.44
C VAL B 58 -20.00 -23.94 -7.91
N LEU B 59 -20.14 -22.66 -8.22
CA LEU B 59 -20.09 -22.16 -9.59
C LEU B 59 -18.73 -21.49 -9.85
N ASP B 60 -17.98 -22.00 -10.82
CA ASP B 60 -16.72 -21.40 -11.25
C ASP B 60 -16.98 -20.44 -12.42
N LEU B 61 -17.21 -19.17 -12.10
CA LEU B 61 -17.70 -18.22 -13.06
C LEU B 61 -16.51 -17.57 -13.80
N GLY B 62 -16.52 -17.67 -15.14
CA GLY B 62 -15.33 -17.30 -15.94
C GLY B 62 -14.17 -18.18 -15.57
N GLY B 63 -14.46 -19.45 -15.34
CA GLY B 63 -13.45 -20.43 -14.86
C GLY B 63 -12.40 -20.85 -15.87
N GLY B 64 -12.53 -20.35 -17.10
CA GLY B 64 -11.49 -20.50 -18.10
C GLY B 64 -11.18 -21.93 -18.47
N THR B 65 -9.92 -22.31 -18.30
CA THR B 65 -9.41 -23.66 -18.60
C THR B 65 -9.59 -24.62 -17.39
N GLY B 66 -10.25 -24.14 -16.33
CA GLY B 66 -10.72 -24.99 -15.26
C GLY B 66 -9.72 -25.31 -14.17
N LYS B 67 -8.68 -24.50 -14.04
CA LYS B 67 -7.69 -24.68 -12.99
C LYS B 67 -8.37 -24.88 -11.64
N TRP B 68 -9.29 -24.00 -11.30
CA TRP B 68 -9.93 -24.06 -9.97
C TRP B 68 -11.12 -25.03 -9.94
N SER B 69 -11.80 -25.25 -11.06
CA SER B 69 -12.75 -26.36 -11.14
C SER B 69 -12.10 -27.73 -10.82
N LEU B 70 -10.94 -27.99 -11.39
CA LEU B 70 -10.23 -29.23 -11.16
C LEU B 70 -9.70 -29.34 -9.74
N PHE B 71 -9.18 -28.25 -9.21
CA PHE B 71 -8.75 -28.18 -7.81
C PHE B 71 -9.88 -28.60 -6.86
N LEU B 72 -11.07 -28.06 -7.08
CA LEU B 72 -12.24 -28.45 -6.29
C LEU B 72 -12.77 -29.85 -6.60
N GLN B 73 -12.81 -30.27 -7.87
CA GLN B 73 -13.28 -31.62 -8.22
C GLN B 73 -12.48 -32.68 -7.47
N GLU B 74 -11.15 -32.49 -7.42
CA GLU B 74 -10.32 -33.49 -6.77
C GLU B 74 -10.45 -33.47 -5.24
N ARG B 75 -11.01 -32.41 -4.67
CA ARG B 75 -11.35 -32.32 -3.25
C ARG B 75 -12.80 -32.63 -2.90
N GLY B 76 -13.54 -33.20 -3.84
CA GLY B 76 -14.87 -33.71 -3.56
C GLY B 76 -16.03 -32.76 -3.76
N PHE B 77 -15.79 -31.61 -4.38
CA PHE B 77 -16.85 -30.60 -4.59
C PHE B 77 -17.70 -30.91 -5.82
N GLU B 78 -18.90 -30.35 -5.81
CA GLU B 78 -19.75 -30.38 -6.98
C GLU B 78 -19.57 -29.00 -7.63
N VAL B 79 -18.99 -29.00 -8.83
CA VAL B 79 -18.56 -27.75 -9.48
CA VAL B 79 -18.63 -27.73 -9.47
C VAL B 79 -19.16 -27.70 -10.88
N VAL B 80 -19.67 -26.52 -11.25
CA VAL B 80 -20.00 -26.23 -12.61
C VAL B 80 -19.11 -25.08 -13.05
N LEU B 81 -18.44 -25.25 -14.20
CA LEU B 81 -17.69 -24.19 -14.85
C LEU B 81 -18.53 -23.48 -15.90
N VAL B 82 -18.54 -22.15 -15.83
CA VAL B 82 -19.21 -21.30 -16.82
C VAL B 82 -18.22 -20.30 -17.36
N ASP B 83 -18.26 -20.12 -18.67
CA ASP B 83 -17.39 -19.15 -19.35
C ASP B 83 -17.98 -18.85 -20.72
N PRO B 84 -17.96 -17.58 -21.14
CA PRO B 84 -18.40 -17.26 -22.51
C PRO B 84 -17.44 -17.66 -23.65
N SER B 85 -16.21 -18.05 -23.34
CA SER B 85 -15.22 -18.47 -24.37
C SER B 85 -15.36 -19.95 -24.65
N LYS B 86 -15.80 -20.31 -25.85
CA LYS B 86 -15.92 -21.72 -26.27
C LYS B 86 -14.60 -22.46 -26.21
N GLU B 87 -13.53 -21.77 -26.57
CA GLU B 87 -12.22 -22.37 -26.69
C GLU B 87 -11.63 -22.66 -25.32
N MSE B 88 -11.87 -21.77 -24.36
CA MSE B 88 -11.51 -22.04 -22.98
C MSE B 88 -12.26 -23.26 -22.44
O MSE B 88 -11.69 -24.09 -21.70
CB MSE B 88 -11.81 -20.82 -22.09
CG MSE B 88 -11.00 -19.57 -22.39
SE MSE B 88 -9.07 -19.63 -21.88
CE MSE B 88 -8.99 -18.70 -20.02
N LEU B 89 -13.56 -23.35 -22.76
CA LEU B 89 -14.41 -24.47 -22.32
C LEU B 89 -13.89 -25.76 -22.91
N GLU B 90 -13.45 -25.73 -24.15
CA GLU B 90 -12.95 -26.94 -24.77
C GLU B 90 -11.68 -27.43 -24.11
N VAL B 91 -10.82 -26.49 -23.74
CA VAL B 91 -9.60 -26.80 -23.01
C VAL B 91 -9.92 -27.37 -21.62
N ALA B 92 -10.86 -26.75 -20.92
CA ALA B 92 -11.29 -27.26 -19.62
C ALA B 92 -11.84 -28.72 -19.69
N ARG B 93 -12.71 -28.99 -20.66
CA ARG B 93 -13.19 -30.35 -20.92
C ARG B 93 -12.06 -31.37 -21.15
N GLU B 94 -11.14 -31.03 -22.03
CA GLU B 94 -10.01 -31.90 -22.31
C GLU B 94 -9.18 -32.15 -21.07
N LYS B 95 -9.07 -31.18 -20.17
CA LYS B 95 -8.33 -31.37 -18.93
C LYS B 95 -9.10 -32.20 -17.88
N GLY B 96 -10.40 -32.45 -18.09
CA GLY B 96 -11.18 -33.31 -17.21
C GLY B 96 -12.20 -32.63 -16.32
N VAL B 97 -12.58 -31.41 -16.68
CA VAL B 97 -13.66 -30.71 -16.00
C VAL B 97 -14.98 -31.31 -16.49
N LYS B 98 -15.78 -31.79 -15.54
CA LYS B 98 -16.94 -32.60 -15.86
C LYS B 98 -18.14 -31.79 -16.33
N ASN B 99 -18.34 -30.61 -15.75
CA ASN B 99 -19.56 -29.81 -16.03
C ASN B 99 -19.16 -28.44 -16.57
N VAL B 100 -19.44 -28.18 -17.84
CA VAL B 100 -19.09 -26.90 -18.48
C VAL B 100 -20.29 -26.32 -19.24
N VAL B 101 -20.45 -25.00 -19.15
CA VAL B 101 -21.59 -24.28 -19.73
C VAL B 101 -21.07 -22.96 -20.34
N GLU B 102 -21.58 -22.65 -21.51
CA GLU B 102 -21.23 -21.41 -22.19
C GLU B 102 -22.19 -20.30 -21.81
N ALA B 103 -21.72 -19.38 -21.00
CA ALA B 103 -22.51 -18.20 -20.66
C ALA B 103 -21.62 -17.08 -20.10
N LYS B 104 -22.21 -15.88 -20.09
CA LYS B 104 -21.67 -14.71 -19.44
C LYS B 104 -22.25 -14.51 -18.05
N ALA B 105 -21.48 -13.88 -17.19
CA ALA B 105 -21.92 -13.55 -15.84
C ALA B 105 -23.18 -12.67 -15.81
N GLU B 106 -23.36 -11.82 -16.82
CA GLU B 106 -24.50 -10.92 -16.91
C GLU B 106 -25.82 -11.63 -17.15
N ASP B 107 -25.77 -12.91 -17.53
CA ASP B 107 -26.97 -13.65 -17.83
C ASP B 107 -26.75 -15.15 -17.69
N LEU B 108 -26.94 -15.64 -16.48
CA LEU B 108 -26.63 -17.00 -16.13
C LEU B 108 -27.86 -17.90 -16.27
N PRO B 109 -27.73 -19.02 -16.99
CA PRO B 109 -28.90 -19.86 -17.19
C PRO B 109 -29.05 -20.92 -16.06
N PHE B 110 -28.96 -20.48 -14.81
CA PHE B 110 -29.06 -21.38 -13.67
C PHE B 110 -30.21 -20.91 -12.82
N PRO B 111 -30.85 -21.85 -12.11
CA PRO B 111 -31.91 -21.40 -11.24
C PRO B 111 -31.36 -20.64 -10.02
N SER B 112 -32.24 -19.89 -9.39
CA SER B 112 -31.90 -19.11 -8.24
C SER B 112 -31.60 -20.01 -7.05
N GLY B 113 -30.73 -19.54 -6.15
CA GLY B 113 -30.48 -20.24 -4.90
C GLY B 113 -29.92 -21.64 -5.07
N ALA B 114 -29.05 -21.81 -6.05
CA ALA B 114 -28.57 -23.12 -6.45
C ALA B 114 -27.13 -23.46 -6.00
N PHE B 115 -26.39 -22.44 -5.54
CA PHE B 115 -24.99 -22.63 -5.13
C PHE B 115 -24.70 -22.03 -3.75
N GLU B 116 -23.78 -22.71 -3.05
CA GLU B 116 -23.23 -22.22 -1.79
C GLU B 116 -22.13 -21.19 -2.02
N ALA B 117 -21.42 -21.29 -3.16
CA ALA B 117 -20.38 -20.36 -3.50
C ALA B 117 -20.25 -20.15 -5.00
N VAL B 118 -19.76 -18.96 -5.34
CA VAL B 118 -19.43 -18.61 -6.72
C VAL B 118 -17.98 -18.16 -6.70
N LEU B 119 -17.17 -18.68 -7.61
CA LEU B 119 -15.79 -18.23 -7.75
C LEU B 119 -15.70 -17.31 -8.93
N ALA B 120 -15.09 -16.15 -8.76
CA ALA B 120 -14.76 -15.31 -9.91
C ALA B 120 -13.32 -14.92 -9.79
N LEU B 121 -12.46 -15.88 -10.10
CA LEU B 121 -11.02 -15.77 -9.93
C LEU B 121 -10.33 -15.40 -11.26
N GLY B 122 -9.07 -14.97 -11.20
CA GLY B 122 -8.33 -14.50 -12.37
C GLY B 122 -8.91 -13.25 -13.01
N ASP B 123 -9.51 -12.39 -12.19
CA ASP B 123 -9.86 -11.02 -12.57
C ASP B 123 -11.07 -10.90 -13.46
N VAL B 124 -11.89 -11.95 -13.47
CA VAL B 124 -13.12 -12.03 -14.24
C VAL B 124 -13.98 -10.76 -14.11
N LEU B 125 -14.16 -10.29 -12.87
CA LEU B 125 -14.99 -9.10 -12.60
C LEU B 125 -14.39 -7.78 -13.06
N SER B 126 -13.07 -7.76 -13.28
CA SER B 126 -12.46 -6.63 -13.96
C SER B 126 -12.78 -6.67 -15.45
N TYR B 127 -13.24 -7.81 -15.99
CA TYR B 127 -13.45 -7.94 -17.46
C TYR B 127 -14.90 -7.87 -17.92
N VAL B 128 -15.82 -8.29 -17.06
CA VAL B 128 -17.24 -8.21 -17.38
C VAL B 128 -17.61 -6.78 -17.77
N GLU B 129 -18.38 -6.66 -18.84
CA GLU B 129 -18.84 -5.41 -19.41
C GLU B 129 -19.87 -4.72 -18.53
N ASN B 130 -20.72 -5.48 -17.84
CA ASN B 130 -21.72 -4.91 -16.91
C ASN B 130 -21.66 -5.53 -15.52
N LYS B 131 -20.99 -4.84 -14.62
CA LYS B 131 -20.81 -5.30 -13.26
C LYS B 131 -22.10 -5.33 -12.44
N ASP B 132 -23.04 -4.43 -12.74
CA ASP B 132 -24.35 -4.46 -12.07
C ASP B 132 -25.05 -5.80 -12.36
N LYS B 133 -25.27 -6.09 -13.65
CA LYS B 133 -25.86 -7.37 -14.05
C LYS B 133 -25.04 -8.55 -13.52
N ALA B 134 -23.72 -8.54 -13.69
CA ALA B 134 -22.88 -9.63 -13.16
C ALA B 134 -23.06 -9.87 -11.64
N PHE B 135 -23.03 -8.80 -10.86
CA PHE B 135 -23.20 -8.92 -9.41
C PHE B 135 -24.60 -9.36 -8.99
N SER B 136 -25.58 -8.83 -9.67
CA SER B 136 -26.95 -9.24 -9.48
C SER B 136 -27.16 -10.75 -9.76
N GLU B 137 -26.70 -11.25 -10.89
CA GLU B 137 -26.81 -12.68 -11.21
C GLU B 137 -26.13 -13.62 -10.19
N ILE B 138 -24.95 -13.22 -9.77
CA ILE B 138 -24.19 -13.93 -8.76
C ILE B 138 -25.02 -14.02 -7.50
N ARG B 139 -25.59 -12.90 -7.10
CA ARG B 139 -26.46 -12.84 -5.94
C ARG B 139 -27.65 -13.79 -6.13
N ARG B 140 -28.26 -13.74 -7.31
CA ARG B 140 -29.44 -14.55 -7.60
C ARG B 140 -29.16 -16.06 -7.48
N VAL B 141 -28.04 -16.54 -8.03
CA VAL B 141 -27.75 -17.97 -8.01
C VAL B 141 -27.23 -18.50 -6.68
N LEU B 142 -26.85 -17.61 -5.76
CA LEU B 142 -26.42 -18.01 -4.42
C LEU B 142 -27.60 -18.25 -3.51
N VAL B 143 -27.45 -19.22 -2.61
CA VAL B 143 -28.32 -19.37 -1.45
C VAL B 143 -28.08 -18.24 -0.44
N PRO B 144 -29.06 -17.98 0.47
CA PRO B 144 -28.79 -17.00 1.54
C PRO B 144 -27.51 -17.37 2.31
N ASP B 145 -26.67 -16.37 2.59
CA ASP B 145 -25.33 -16.57 3.14
C ASP B 145 -24.33 -17.30 2.26
N GLY B 146 -24.65 -17.50 0.98
CA GLY B 146 -23.64 -18.00 0.05
C GLY B 146 -22.52 -16.99 -0.14
N LEU B 147 -21.37 -17.47 -0.54
CA LEU B 147 -20.17 -16.66 -0.72
C LEU B 147 -19.86 -16.38 -2.18
N LEU B 148 -19.43 -15.16 -2.47
CA LEU B 148 -18.68 -14.86 -3.68
C LEU B 148 -17.20 -14.74 -3.28
N ILE B 149 -16.31 -15.41 -4.01
CA ILE B 149 -14.90 -15.41 -3.74
C ILE B 149 -14.22 -14.99 -5.03
N ALA B 150 -13.45 -13.91 -4.99
CA ALA B 150 -13.01 -13.30 -6.26
C ALA B 150 -11.67 -12.63 -6.18
N THR B 151 -11.08 -12.44 -7.35
CA THR B 151 -9.87 -11.62 -7.50
C THR B 151 -10.09 -10.63 -8.63
N VAL B 152 -9.51 -9.44 -8.46
CA VAL B 152 -9.65 -8.33 -9.37
C VAL B 152 -8.35 -7.57 -9.48
N ASP B 153 -8.22 -6.85 -10.59
CA ASP B 153 -7.10 -5.96 -10.79
C ASP B 153 -7.19 -4.80 -9.81
N ASN B 154 -6.02 -4.28 -9.45
CA ASN B 154 -5.88 -3.21 -8.46
C ASN B 154 -5.56 -1.91 -9.18
N PHE B 155 -6.45 -0.93 -9.01
CA PHE B 155 -6.28 0.40 -9.57
C PHE B 155 -4.84 0.94 -9.35
N TYR B 156 -4.35 0.86 -8.12
CA TYR B 156 -3.04 1.47 -7.74
C TYR B 156 -1.87 0.79 -8.37
N THR B 157 -2.04 -0.47 -8.73
CA THR B 157 -1.00 -1.23 -9.39
C THR B 157 -0.89 -0.82 -10.85
N PHE B 158 -2.04 -0.70 -11.49
CA PHE B 158 -2.12 -0.17 -12.85
C PHE B 158 -1.54 1.24 -12.94
N LEU B 159 -1.95 2.09 -12.00
CA LEU B 159 -1.47 3.47 -11.96
C LEU B 159 0.06 3.54 -11.85
N GLN B 160 0.63 2.73 -10.99
CA GLN B 160 2.08 2.71 -10.82
C GLN B 160 2.80 2.27 -12.08
N GLN B 161 2.23 1.29 -12.76
CA GLN B 161 2.76 0.77 -14.03
C GLN B 161 2.71 1.83 -15.09
N MSE B 162 1.57 2.53 -15.15
CA MSE B 162 1.41 3.65 -16.11
C MSE B 162 2.34 4.82 -15.86
O MSE B 162 2.88 5.38 -16.81
CB MSE B 162 -0.01 4.15 -16.12
CG MSE B 162 -0.98 3.08 -16.48
SE MSE B 162 -2.87 3.63 -16.55
CE MSE B 162 -2.78 4.85 -18.16
N ILE B 163 2.55 5.18 -14.58
CA ILE B 163 3.48 6.23 -14.20
C ILE B 163 4.88 5.93 -14.71
N GLU B 164 5.25 4.67 -14.79
CA GLU B 164 6.60 4.31 -15.28
C GLU B 164 6.69 4.51 -16.81
N LYS B 165 5.60 4.23 -17.53
CA LYS B 165 5.61 3.95 -18.98
C LYS B 165 4.79 4.88 -19.90
N ASP B 166 3.61 5.30 -19.46
CA ASP B 166 2.60 5.89 -20.34
C ASP B 166 2.58 7.39 -20.30
N ALA B 167 2.05 7.94 -21.38
CA ALA B 167 1.85 9.37 -21.50
C ALA B 167 0.91 9.85 -20.42
N TRP B 168 1.23 11.02 -19.87
CA TRP B 168 0.46 11.57 -18.78
C TRP B 168 -1.01 11.68 -19.12
N ASP B 169 -1.34 12.04 -20.36
CA ASP B 169 -2.74 12.15 -20.77
C ASP B 169 -3.54 10.86 -20.61
N GLN B 170 -2.86 9.70 -20.69
CA GLN B 170 -3.52 8.42 -20.48
C GLN B 170 -3.77 8.18 -19.01
N ILE B 171 -2.80 8.58 -18.19
CA ILE B 171 -2.95 8.51 -16.75
C ILE B 171 -4.17 9.33 -16.29
N THR B 172 -4.30 10.54 -16.79
CA THR B 172 -5.43 11.42 -16.49
C THR B 172 -6.75 10.77 -16.75
N ARG B 173 -6.89 10.14 -17.92
CA ARG B 173 -8.12 9.47 -18.30
C ARG B 173 -8.39 8.28 -17.38
N PHE B 174 -7.35 7.51 -17.10
CA PHE B 174 -7.44 6.36 -16.20
C PHE B 174 -7.87 6.72 -14.77
N LEU B 175 -7.39 7.85 -14.26
CA LEU B 175 -7.85 8.31 -12.95
C LEU B 175 -9.37 8.48 -12.93
N LYS B 176 -9.94 8.97 -14.02
CA LYS B 176 -11.40 9.09 -14.12
C LYS B 176 -12.14 7.76 -14.34
N THR B 177 -11.60 6.85 -15.16
CA THR B 177 -12.37 5.70 -15.63
C THR B 177 -12.01 4.40 -14.98
N GLN B 178 -10.82 4.32 -14.39
CA GLN B 178 -10.29 3.09 -13.81
C GLN B 178 -10.16 1.94 -14.83
N THR B 179 -10.20 2.29 -16.12
CA THR B 179 -10.22 1.33 -17.20
C THR B 179 -9.02 1.53 -18.13
N THR B 180 -8.35 0.44 -18.48
CA THR B 180 -7.23 0.49 -19.43
C THR B 180 -7.21 -0.79 -20.27
N SER B 181 -6.51 -0.77 -21.38
CA SER B 181 -6.52 -1.94 -22.25
C SER B 181 -5.43 -2.90 -21.80
N VAL B 182 -5.73 -4.19 -21.91
CA VAL B 182 -4.80 -5.26 -21.50
C VAL B 182 -4.78 -6.29 -22.64
N GLY B 183 -3.80 -7.18 -22.62
CA GLY B 183 -3.67 -8.17 -23.68
C GLY B 183 -2.31 -8.20 -24.34
N THR B 184 -2.29 -8.13 -25.65
CA THR B 184 -1.04 -8.27 -26.37
C THR B 184 -0.69 -6.99 -27.13
N THR B 185 0.55 -6.92 -27.59
CA THR B 185 0.95 -5.90 -28.51
C THR B 185 -0.09 -5.79 -29.66
N LEU B 186 -0.73 -6.88 -30.07
CA LEU B 186 -1.62 -6.86 -31.25
C LEU B 186 -3.15 -6.91 -30.98
N PHE B 187 -3.54 -7.38 -29.78
CA PHE B 187 -4.95 -7.57 -29.41
C PHE B 187 -5.19 -7.02 -28.04
N SER B 188 -6.25 -6.23 -27.86
CA SER B 188 -6.56 -5.73 -26.53
C SER B 188 -8.02 -5.80 -26.19
N PHE B 189 -8.27 -5.82 -24.89
CA PHE B 189 -9.61 -5.61 -24.37
C PHE B 189 -9.49 -4.78 -23.07
N ASN B 190 -10.62 -4.29 -22.56
CA ASN B 190 -10.61 -3.36 -21.44
C ASN B 190 -10.75 -4.07 -20.11
N SER B 191 -9.93 -3.65 -19.16
CA SER B 191 -10.04 -4.11 -17.77
C SER B 191 -10.34 -2.93 -16.88
N TYR B 192 -11.31 -3.11 -15.99
CA TYR B 192 -11.67 -2.16 -14.98
C TYR B 192 -10.93 -2.53 -13.69
N ALA B 193 -9.98 -1.68 -13.27
CA ALA B 193 -9.20 -1.96 -12.05
C ALA B 193 -9.92 -1.36 -10.84
N PHE B 194 -10.06 -2.18 -9.81
CA PHE B 194 -10.91 -1.84 -8.64
C PHE B 194 -10.19 -0.95 -7.64
N LYS B 195 -10.97 -0.11 -6.97
CA LYS B 195 -10.57 0.63 -5.80
C LYS B 195 -11.42 0.15 -4.59
N PRO B 196 -11.02 0.57 -3.37
CA PRO B 196 -11.75 0.31 -2.14
C PRO B 196 -13.22 0.66 -2.23
N GLU B 197 -13.50 1.81 -2.81
CA GLU B 197 -14.85 2.31 -2.96
C GLU B 197 -15.72 1.31 -3.75
N ASP B 198 -15.14 0.61 -4.73
CA ASP B 198 -15.84 -0.41 -5.47
C ASP B 198 -16.27 -1.63 -4.60
N LEU B 199 -15.57 -1.90 -3.52
CA LEU B 199 -15.93 -3.04 -2.68
C LEU B 199 -16.77 -2.63 -1.49
N ASP B 200 -17.02 -1.33 -1.36
CA ASP B 200 -17.84 -0.75 -0.31
C ASP B 200 -19.32 -0.81 -0.71
N SER B 201 -20.16 -1.21 0.25
CA SER B 201 -21.63 -1.34 0.09
C SER B 201 -22.09 -1.77 -1.31
N LEU B 202 -21.86 -3.04 -1.64
CA LEU B 202 -22.43 -3.66 -2.82
C LEU B 202 -23.82 -4.12 -2.43
N GLU B 203 -24.84 -3.76 -3.22
CA GLU B 203 -26.24 -4.07 -2.88
C GLU B 203 -26.43 -5.57 -2.62
N GLY B 204 -26.94 -5.88 -1.43
CA GLY B 204 -27.32 -7.24 -1.06
C GLY B 204 -26.23 -8.16 -0.57
N PHE B 205 -25.02 -7.63 -0.43
CA PHE B 205 -23.83 -8.37 0.01
C PHE B 205 -23.15 -7.72 1.20
N GLU B 206 -22.59 -8.56 2.06
CA GLU B 206 -21.73 -8.15 3.14
C GLU B 206 -20.29 -8.49 2.75
N THR B 207 -19.39 -7.52 2.84
CA THR B 207 -17.96 -7.78 2.63
C THR B 207 -17.38 -8.50 3.82
N VAL B 208 -17.04 -9.78 3.66
CA VAL B 208 -16.43 -10.61 4.69
C VAL B 208 -14.91 -10.42 4.84
N ASP B 209 -14.20 -10.31 3.72
CA ASP B 209 -12.77 -10.16 3.79
C ASP B 209 -12.23 -9.55 2.50
N ILE B 210 -11.14 -8.81 2.63
CA ILE B 210 -10.37 -8.31 1.50
C ILE B 210 -8.92 -8.59 1.81
N ARG B 211 -8.21 -9.17 0.84
CA ARG B 211 -6.80 -9.48 0.98
C ARG B 211 -5.97 -9.13 -0.25
N GLY B 212 -4.71 -8.82 -0.01
CA GLY B 212 -3.76 -8.48 -1.03
C GLY B 212 -3.06 -9.74 -1.49
N ILE B 213 -2.97 -9.89 -2.81
CA ILE B 213 -2.24 -10.98 -3.43
C ILE B 213 -0.98 -10.42 -4.05
N GLY B 214 0.15 -10.78 -3.47
CA GLY B 214 1.43 -10.27 -3.93
C GLY B 214 1.61 -8.87 -3.40
N VAL B 215 1.70 -8.76 -2.08
CA VAL B 215 1.82 -7.49 -1.43
C VAL B 215 3.20 -6.91 -1.68
N MSE B 216 4.23 -7.75 -1.67
CA MSE B 216 5.59 -7.33 -2.02
C MSE B 216 5.93 -7.83 -3.43
O MSE B 216 5.23 -8.68 -3.97
CB MSE B 216 6.60 -7.93 -1.03
CG MSE B 216 6.33 -7.58 0.43
SE MSE B 216 6.55 -5.62 0.83
CE MSE B 216 5.33 -5.37 2.45
N GLU B 217 6.97 -7.25 -4.00
CA GLU B 217 7.60 -7.71 -5.22
C GLU B 217 8.86 -8.45 -4.84
N TYR B 218 9.07 -9.57 -5.51
CA TYR B 218 10.27 -10.37 -5.36
C TYR B 218 10.89 -10.59 -6.74
N PRO B 219 12.22 -10.60 -6.81
CA PRO B 219 12.84 -11.18 -8.01
C PRO B 219 12.46 -12.65 -8.23
N ASP B 220 11.93 -13.00 -9.42
CA ASP B 220 11.55 -14.41 -9.75
C ASP B 220 12.61 -15.45 -9.42
N GLU B 221 13.89 -15.08 -9.54
CA GLU B 221 14.98 -15.97 -9.19
C GLU B 221 14.83 -16.31 -7.71
N ARG B 222 14.52 -15.32 -6.88
CA ARG B 222 14.49 -15.51 -5.43
C ARG B 222 13.23 -16.27 -5.01
N ILE B 223 12.13 -16.06 -5.71
CA ILE B 223 10.93 -16.83 -5.44
C ILE B 223 11.16 -18.34 -5.51
N SER B 224 11.94 -18.78 -6.49
CA SER B 224 12.26 -20.21 -6.63
C SER B 224 13.20 -20.66 -5.51
N GLU B 225 14.20 -19.84 -5.20
CA GLU B 225 15.16 -20.20 -4.16
C GLU B 225 14.51 -20.30 -2.76
N ARG B 226 13.48 -19.49 -2.47
CA ARG B 226 12.96 -19.31 -1.10
C ARG B 226 11.46 -19.35 -1.11
N GLU B 227 10.93 -20.36 -1.74
CA GLU B 227 9.52 -20.36 -2.03
C GLU B 227 8.64 -20.43 -0.78
N GLU B 228 8.99 -21.33 0.15
CA GLU B 228 8.23 -21.50 1.37
C GLU B 228 8.26 -20.21 2.21
N THR B 229 9.46 -19.72 2.43
CA THR B 229 9.68 -18.46 3.10
C THR B 229 8.85 -17.34 2.50
N ILE B 230 8.87 -17.16 1.18
CA ILE B 230 8.09 -16.10 0.54
C ILE B 230 6.59 -16.39 0.63
N PHE B 231 6.19 -17.62 0.39
CA PHE B 231 4.76 -17.96 0.54
C PHE B 231 4.19 -17.58 1.92
N ARG B 232 4.90 -17.98 2.97
CA ARG B 232 4.50 -17.73 4.35
C ARG B 232 4.49 -16.27 4.71
N LEU B 233 5.45 -15.50 4.23
CA LEU B 233 5.42 -14.05 4.42
C LEU B 233 4.19 -13.39 3.76
N GLU B 234 3.91 -13.79 2.51
CA GLU B 234 2.79 -13.25 1.79
C GLU B 234 1.49 -13.70 2.41
N GLN B 235 1.50 -14.87 3.02
CA GLN B 235 0.32 -15.36 3.69
C GLN B 235 -0.04 -14.44 4.89
N GLU B 236 0.98 -14.04 5.68
CA GLU B 236 0.80 -13.05 6.74
C GLU B 236 0.35 -11.68 6.23
N LEU B 237 1.02 -11.18 5.20
CA LEU B 237 0.76 -9.83 4.68
C LEU B 237 -0.61 -9.71 4.07
N SER B 238 -1.09 -10.77 3.43
CA SER B 238 -2.43 -10.80 2.84
C SER B 238 -3.55 -10.61 3.85
N ARG B 239 -3.27 -10.94 5.09
CA ARG B 239 -4.23 -10.77 6.18
C ARG B 239 -4.17 -9.40 6.83
N ASP B 240 -3.26 -8.55 6.38
CA ASP B 240 -3.10 -7.23 6.95
C ASP B 240 -3.90 -6.17 6.16
N ARG B 241 -4.99 -5.69 6.73
CA ARG B 241 -5.89 -4.74 6.05
C ARG B 241 -5.24 -3.44 5.68
N ASN B 242 -4.24 -3.04 6.41
CA ASN B 242 -3.58 -1.74 6.16
C ASN B 242 -2.73 -1.66 4.92
N ILE B 243 -2.32 -2.79 4.38
CA ILE B 243 -1.33 -2.81 3.32
C ILE B 243 -1.84 -3.48 2.03
N ILE B 244 -3.11 -3.87 2.00
CA ILE B 244 -3.49 -4.69 0.88
C ILE B 244 -3.62 -3.95 -0.48
N TRP B 245 -3.80 -2.65 -0.48
CA TRP B 245 -3.89 -1.91 -1.74
C TRP B 245 -2.55 -1.66 -2.42
N LYS B 246 -1.48 -2.09 -1.78
CA LYS B 246 -0.14 -2.17 -2.36
C LYS B 246 0.01 -3.40 -3.24
N ALA B 247 -0.90 -4.36 -3.10
CA ALA B 247 -0.73 -5.69 -3.70
C ALA B 247 -0.97 -5.72 -5.22
N ASP B 248 -0.31 -6.65 -5.90
CA ASP B 248 -0.48 -6.91 -7.31
C ASP B 248 -1.97 -7.09 -7.70
N HIS B 249 -2.69 -7.94 -6.97
CA HIS B 249 -4.13 -8.16 -7.20
C HIS B 249 -4.87 -8.14 -5.89
N ILE B 250 -6.20 -8.09 -5.96
CA ILE B 250 -7.04 -8.02 -4.78
C ILE B 250 -7.97 -9.23 -4.72
N PHE B 251 -8.00 -9.88 -3.56
CA PHE B 251 -8.84 -11.01 -3.31
C PHE B 251 -9.92 -10.53 -2.36
N PHE B 252 -11.15 -10.90 -2.63
CA PHE B 252 -12.24 -10.59 -1.70
C PHE B 252 -13.29 -11.65 -1.60
N VAL B 253 -14.01 -11.60 -0.48
CA VAL B 253 -15.08 -12.53 -0.15
C VAL B 253 -16.30 -11.72 0.28
N LEU B 254 -17.40 -11.90 -0.46
CA LEU B 254 -18.69 -11.33 -0.07
C LEU B 254 -19.63 -12.45 0.38
N LYS B 255 -20.53 -12.11 1.28
CA LYS B 255 -21.58 -13.00 1.73
C LYS B 255 -22.94 -12.38 1.33
N LYS B 256 -23.80 -13.18 0.70
CA LYS B 256 -25.13 -12.72 0.35
C LYS B 256 -25.95 -12.55 1.63
N LYS B 257 -26.45 -11.35 1.86
CA LYS B 257 -27.22 -11.10 3.05
C LYS B 257 -28.71 -11.18 2.73
N ARG B 258 -29.53 -10.85 3.72
CA ARG B 258 -30.93 -11.29 3.70
C ARG B 258 -31.92 -10.12 3.75
P PO4 C . 4.70 12.97 -20.93
O1 PO4 C . 5.84 12.00 -21.16
O2 PO4 C . 4.88 13.47 -19.53
O3 PO4 C . 3.32 12.40 -21.09
O4 PO4 C . 4.78 14.11 -21.89
N SAI D . 13.82 17.63 11.12
CA SAI D . 14.88 18.01 10.17
CB SAI D . 16.11 17.13 10.32
CG SAI D . 15.77 15.66 10.09
SE SAI D . 17.40 14.52 10.24
C SAI D . 14.39 17.96 8.75
O SAI D . 13.31 17.36 8.51
OXT SAI D . 15.10 18.54 7.87
C5' SAI D . 17.18 13.60 11.98
C4' SAI D . 17.57 14.53 13.11
O4' SAI D . 17.11 13.90 14.30
C3' SAI D . 19.08 14.75 13.23
O3' SAI D . 19.44 16.13 13.11
C2' SAI D . 19.44 14.09 14.57
O2' SAI D . 20.51 14.71 15.29
C1' SAI D . 18.09 14.12 15.30
N9 SAI D . 18.01 13.14 16.41
C8 SAI D . 18.62 11.96 16.53
N7 SAI D . 18.32 11.40 17.73
C5 SAI D . 17.51 12.26 18.38
C6 SAI D . 16.88 12.25 19.63
N6 SAI D . 17.03 11.22 20.49
N1 SAI D . 16.13 13.31 19.99
C2 SAI D . 15.96 14.35 19.14
N3 SAI D . 16.55 14.42 17.94
C4 SAI D . 17.31 13.37 17.53
N SAI E . -10.90 -17.92 -13.61
CA SAI E . -9.97 -18.66 -14.44
CB SAI E . -9.80 -18.03 -15.82
CG SAI E . -9.31 -16.60 -15.65
SE SAI E . -9.11 -15.64 -17.36
C SAI E . -8.58 -18.70 -13.82
O SAI E . -8.41 -18.01 -12.80
OXT SAI E . -7.65 -19.35 -14.38
C5' SAI E . -10.71 -14.46 -17.38
C4' SAI E . -11.89 -15.29 -17.86
O4' SAI E . -13.04 -14.47 -17.79
C3' SAI E . -11.73 -15.81 -19.30
O3' SAI E . -11.89 -17.23 -19.37
C2' SAI E . -12.82 -15.08 -20.05
O2' SAI E . -13.34 -15.86 -21.15
C1' SAI E . -13.82 -14.81 -18.92
N9 SAI E . -14.82 -13.76 -19.17
C8 SAI E . -14.70 -12.66 -19.91
N7 SAI E . -15.84 -11.97 -19.88
C5 SAI E . -16.68 -12.67 -19.08
C6 SAI E . -18.01 -12.48 -18.70
N6 SAI E . -18.72 -11.39 -19.12
N1 SAI E . -18.58 -13.41 -17.91
C2 SAI E . -17.91 -14.50 -17.47
N3 SAI E . -16.65 -14.72 -17.84
C4 SAI E . -16.04 -13.81 -18.65
#